data_6M10
#
_entry.id   6M10
#
_cell.length_a   44.490
_cell.length_b   194.006
_cell.length_c   92.016
_cell.angle_alpha   90.000
_cell.angle_beta   90.000
_cell.angle_gamma   90.000
#
_symmetry.space_group_name_H-M   'C 2 2 21'
#
_entity_poly.entity_id   1
_entity_poly.type   'polypeptide(L)'
_entity_poly.pdbx_seq_one_letter_code
;MTTETLVSGTTPVSDNANLKQHLTTPTQEGQTLRDSVEKALHNYFAHLEGQPVTDVYNMVLCEVEAPLLETVMNHVKGNQ
TKASELLGLNRGTLRKKLKQYDLL
;
_entity_poly.pdbx_strand_id   A,C,B,D
#
# COMPACT_ATOMS: atom_id res chain seq x y z
N HIS A 22 -34.98 -6.39 6.95
CA HIS A 22 -33.61 -6.87 6.84
C HIS A 22 -33.39 -8.02 7.81
N LEU A 23 -32.45 -7.86 8.74
CA LEU A 23 -32.13 -8.91 9.70
C LEU A 23 -32.82 -8.60 11.03
N THR A 24 -34.10 -8.94 11.09
CA THR A 24 -34.84 -8.89 12.35
C THR A 24 -34.74 -10.28 12.97
N THR A 25 -33.53 -10.56 13.42
CA THR A 25 -33.06 -11.82 13.98
C THR A 25 -31.69 -11.52 14.60
N PRO A 26 -31.41 -12.03 15.82
CA PRO A 26 -30.23 -11.64 16.56
C PRO A 26 -29.08 -11.57 15.55
N THR A 27 -28.65 -10.35 15.24
CA THR A 27 -27.54 -10.14 14.29
C THR A 27 -26.96 -8.77 14.65
N GLN A 28 -25.64 -8.62 14.59
CA GLN A 28 -24.99 -7.32 14.91
C GLN A 28 -24.95 -6.44 13.66
N GLU A 29 -24.49 -5.19 13.84
CA GLU A 29 -24.32 -4.20 12.79
C GLU A 29 -23.00 -4.45 12.07
N GLY A 30 -23.03 -4.46 10.74
CA GLY A 30 -21.85 -4.78 9.97
C GLY A 30 -20.83 -3.64 10.03
N GLN A 31 -19.60 -3.97 10.43
CA GLN A 31 -18.56 -2.96 10.52
C GLN A 31 -18.47 -2.40 9.12
N THR A 32 -18.85 -1.13 8.96
CA THR A 32 -18.59 -0.41 7.72
C THR A 32 -17.09 -0.23 7.67
N LEU A 33 -16.52 -0.42 6.47
CA LEU A 33 -15.07 -0.46 6.32
C LEU A 33 -14.39 0.69 7.04
N ARG A 34 -14.95 1.90 6.93
CA ARG A 34 -14.32 3.05 7.59
C ARG A 34 -14.28 2.86 9.09
N ASP A 35 -15.38 2.38 9.69
CA ASP A 35 -15.40 2.03 11.11
C ASP A 35 -14.32 1.01 11.42
N SER A 36 -14.19 -0.03 10.60
CA SER A 36 -13.19 -1.06 10.82
C SER A 36 -11.78 -0.48 10.86
N VAL A 37 -11.53 0.56 10.08
CA VAL A 37 -10.21 1.18 10.10
C VAL A 37 -10.03 1.97 11.39
N GLU A 38 -11.09 2.64 11.86
CA GLU A 38 -11.09 3.33 13.14
C GLU A 38 -10.66 2.40 14.26
N LYS A 39 -11.37 1.28 14.40
CA LYS A 39 -11.18 0.40 15.54
C LYS A 39 -9.82 -0.28 15.52
N ALA A 40 -9.38 -0.75 14.35
CA ALA A 40 -8.11 -1.45 14.27
C ALA A 40 -6.91 -0.54 14.51
N LEU A 41 -7.09 0.78 14.48
CA LEU A 41 -6.00 1.72 14.71
C LEU A 41 -6.03 2.30 16.11
N HIS A 42 -7.22 2.67 16.61
CA HIS A 42 -7.42 2.84 18.05
C HIS A 42 -6.80 1.68 18.80
N ASN A 43 -7.18 0.46 18.40
CA ASN A 43 -6.66 -0.74 19.04
C ASN A 43 -5.16 -0.87 18.81
N TYR A 44 -4.72 -0.63 17.57
CA TYR A 44 -3.30 -0.69 17.27
C TYR A 44 -2.51 0.25 18.18
N PHE A 45 -2.84 1.54 18.13
CA PHE A 45 -2.05 2.55 18.80
C PHE A 45 -2.11 2.42 20.32
N ALA A 46 -3.23 1.90 20.86
CA ALA A 46 -3.32 1.74 22.30
C ALA A 46 -2.25 0.80 22.81
N HIS A 47 -1.92 -0.23 22.04
CA HIS A 47 -0.89 -1.20 22.42
C HIS A 47 0.50 -0.78 21.99
N LEU A 48 0.65 0.46 21.54
CA LEU A 48 1.99 0.94 21.11
C LEU A 48 2.23 2.35 21.62
N GLU A 49 1.24 2.93 22.30
CA GLU A 49 1.28 4.29 22.87
C GLU A 49 2.71 4.42 23.41
N GLY A 50 3.55 5.22 22.77
CA GLY A 50 4.94 5.44 23.22
C GLY A 50 6.09 4.82 22.45
N GLN A 51 5.85 3.75 21.70
CA GLN A 51 6.98 3.09 21.00
C GLN A 51 7.15 3.65 19.59
N PRO A 52 8.39 3.89 19.12
CA PRO A 52 8.63 4.49 17.80
C PRO A 52 8.12 3.49 16.78
N VAL A 53 7.02 3.82 16.13
CA VAL A 53 6.48 3.01 15.04
C VAL A 53 6.66 3.88 13.81
N THR A 54 6.98 3.25 12.68
CA THR A 54 7.10 3.93 11.40
C THR A 54 6.34 3.13 10.36
N ASP A 55 6.30 3.67 9.13
CA ASP A 55 5.80 2.98 7.95
C ASP A 55 4.38 2.47 8.14
N VAL A 56 3.58 3.18 8.93
CA VAL A 56 2.19 2.77 9.09
C VAL A 56 1.42 2.99 7.81
N TYR A 57 1.84 3.97 6.99
CA TYR A 57 1.12 4.21 5.75
C TYR A 57 1.27 3.05 4.79
N ASN A 58 2.52 2.66 4.48
CA ASN A 58 2.74 1.46 3.68
C ASN A 58 2.11 0.25 4.35
N MET A 59 2.31 0.11 5.66
CA MET A 59 1.80 -1.06 6.36
C MET A 59 0.28 -1.17 6.31
N VAL A 60 -0.47 -0.07 6.51
CA VAL A 60 -1.93 -0.12 6.33
C VAL A 60 -2.29 -0.25 4.87
N LEU A 61 -1.67 0.58 4.01
CA LEU A 61 -1.95 0.52 2.59
C LEU A 61 -1.79 -0.91 2.07
N CYS A 62 -0.62 -1.49 2.32
CA CYS A 62 -0.34 -2.86 1.89
C CYS A 62 -1.29 -3.88 2.51
N GLU A 63 -1.98 -3.54 3.58
CA GLU A 63 -2.97 -4.45 4.15
C GLU A 63 -4.37 -4.19 3.65
N VAL A 64 -4.50 -3.20 2.77
CA VAL A 64 -5.83 -2.86 2.17
C VAL A 64 -5.78 -3.12 0.68
N GLU A 65 -4.69 -2.78 0.09
CA GLU A 65 -4.52 -3.01 -1.36
C GLU A 65 -4.53 -4.51 -1.59
N ALA A 66 -3.73 -5.29 -0.77
CA ALA A 66 -3.64 -6.76 -0.82
C ALA A 66 -5.01 -7.39 -1.02
N PRO A 67 -5.94 -7.36 -0.05
CA PRO A 67 -7.27 -7.95 -0.27
C PRO A 67 -8.02 -7.30 -1.43
N LEU A 68 -7.91 -5.98 -1.56
CA LEU A 68 -8.61 -5.24 -2.60
C LEU A 68 -8.29 -5.74 -3.99
N LEU A 69 -7.03 -6.05 -4.26
CA LEU A 69 -6.64 -6.57 -5.57
C LEU A 69 -7.15 -7.98 -5.76
N GLU A 70 -6.82 -8.89 -4.82
CA GLU A 70 -7.29 -10.27 -4.93
C GLU A 70 -8.81 -10.36 -5.03
N THR A 71 -9.53 -9.61 -4.20
CA THR A 71 -10.99 -9.70 -4.18
C THR A 71 -11.57 -9.30 -5.52
N VAL A 72 -11.05 -8.22 -6.10
CA VAL A 72 -11.48 -7.82 -7.44
C VAL A 72 -10.96 -8.80 -8.47
N MET A 73 -9.70 -9.22 -8.33
CA MET A 73 -9.08 -10.15 -9.27
C MET A 73 -9.74 -11.52 -9.37
N ASN A 74 -10.87 -11.69 -8.69
CA ASN A 74 -11.68 -12.90 -8.77
C ASN A 74 -13.08 -12.64 -9.29
N HIS A 75 -13.56 -11.42 -9.05
CA HIS A 75 -14.85 -11.00 -9.58
C HIS A 75 -14.88 -11.10 -11.10
N VAL A 76 -13.71 -11.03 -11.75
CA VAL A 76 -13.63 -11.02 -13.20
C VAL A 76 -12.63 -12.07 -13.68
N LYS A 77 -12.14 -12.90 -12.76
CA LYS A 77 -11.32 -14.05 -13.10
C LYS A 77 -10.06 -13.85 -13.92
N GLY A 78 -9.14 -13.03 -13.40
CA GLY A 78 -7.82 -12.91 -13.98
C GLY A 78 -7.78 -11.86 -15.08
N ASN A 79 -8.93 -11.49 -15.63
CA ASN A 79 -8.98 -10.49 -16.69
C ASN A 79 -8.49 -9.26 -15.94
N GLN A 80 -7.26 -8.85 -16.29
CA GLN A 80 -6.67 -7.68 -15.65
C GLN A 80 -7.27 -6.46 -16.36
N THR A 81 -7.58 -6.62 -17.64
CA THR A 81 -8.20 -5.55 -18.40
C THR A 81 -9.49 -5.09 -17.73
N LYS A 82 -10.33 -6.02 -17.31
CA LYS A 82 -11.56 -5.62 -16.63
C LYS A 82 -11.29 -5.18 -15.20
N ALA A 83 -10.20 -5.65 -14.61
CA ALA A 83 -9.83 -5.20 -13.28
C ALA A 83 -9.54 -3.71 -13.26
N SER A 84 -8.83 -3.21 -14.27
CA SER A 84 -8.52 -1.79 -14.34
C SER A 84 -9.75 -0.96 -14.71
N GLU A 85 -10.74 -1.54 -15.36
CA GLU A 85 -11.96 -0.81 -15.65
C GLU A 85 -12.86 -0.65 -14.45
N LEU A 86 -12.73 -1.50 -13.43
CA LEU A 86 -13.46 -1.36 -12.18
C LEU A 86 -12.67 -0.50 -11.20
N LEU A 87 -11.44 -0.93 -10.89
CA LEU A 87 -10.59 -0.21 -9.94
C LEU A 87 -10.36 1.23 -10.39
N GLY A 88 -10.13 1.43 -11.69
CA GLY A 88 -9.88 2.76 -12.20
C GLY A 88 -8.41 3.09 -12.28
N LEU A 89 -7.59 2.09 -12.59
CA LEU A 89 -6.17 2.28 -12.84
C LEU A 89 -5.87 1.91 -14.27
N ASN A 90 -4.70 2.31 -14.74
CA ASN A 90 -4.25 1.88 -16.04
C ASN A 90 -3.52 0.55 -15.90
N ARG A 91 -3.70 -0.34 -16.89
CA ARG A 91 -3.02 -1.63 -16.89
C ARG A 91 -1.55 -1.71 -16.48
N GLY A 92 -0.96 -0.56 -16.17
CA GLY A 92 0.40 -0.45 -15.68
C GLY A 92 0.63 -0.04 -14.25
N THR A 93 -0.32 0.73 -13.70
CA THR A 93 -0.36 0.89 -12.26
C THR A 93 -0.97 -0.35 -11.61
N LEU A 94 -2.03 -0.90 -12.20
CA LEU A 94 -2.62 -2.13 -11.69
C LEU A 94 -1.58 -3.24 -11.63
N ARG A 95 -0.81 -3.39 -12.71
CA ARG A 95 0.07 -4.54 -12.85
C ARG A 95 1.19 -4.52 -11.82
N LYS A 96 1.99 -3.44 -11.82
CA LYS A 96 3.07 -3.29 -10.86
C LYS A 96 2.58 -3.30 -9.42
N LYS A 97 1.33 -2.92 -9.20
CA LYS A 97 0.70 -3.08 -7.89
C LYS A 97 0.27 -4.52 -7.67
N LEU A 98 -0.36 -5.11 -8.69
CA LEU A 98 -0.83 -6.49 -8.62
C LEU A 98 0.24 -7.45 -8.14
N LYS A 99 1.50 -7.15 -8.43
CA LYS A 99 2.61 -8.02 -8.06
C LYS A 99 3.38 -7.51 -6.86
N GLN A 100 2.99 -6.34 -6.35
CA GLN A 100 3.62 -5.81 -5.12
C GLN A 100 3.17 -6.76 -4.01
N TYR A 101 1.88 -7.10 -4.04
CA TYR A 101 1.25 -8.01 -3.06
C TYR A 101 1.15 -9.43 -3.65
N ASP A 102 2.14 -9.80 -4.46
CA ASP A 102 2.31 -11.16 -5.04
C ASP A 102 1.10 -11.77 -5.77
N LEU A 103 0.51 -11.08 -6.74
CA LEU A 103 -0.54 -11.69 -7.54
C LEU A 103 -0.24 -11.71 -9.04
N LEU A 104 1.02 -11.53 -9.46
CA LEU A 104 1.41 -11.15 -10.83
C LEU A 104 0.37 -11.17 -11.94
N THR B 24 -2.45 -58.58 -17.08
CA THR B 24 -1.30 -57.89 -16.53
C THR B 24 -0.01 -58.39 -17.15
N THR B 25 1.10 -57.95 -16.60
CA THR B 25 2.43 -58.13 -17.19
C THR B 25 3.44 -58.19 -16.06
N PRO B 26 4.76 -58.18 -16.32
CA PRO B 26 5.71 -58.06 -15.20
C PRO B 26 6.14 -56.64 -14.92
N THR B 27 5.58 -56.00 -13.90
CA THR B 27 5.98 -54.61 -13.58
C THR B 27 6.96 -54.63 -12.41
N GLN B 28 7.04 -53.62 -11.66
CA GLN B 28 8.01 -53.44 -10.54
C GLN B 28 7.54 -53.13 -9.11
N GLU B 29 7.23 -51.79 -8.88
CA GLU B 29 6.90 -51.38 -7.48
C GLU B 29 6.27 -50.00 -7.48
N GLY B 30 6.35 -49.32 -6.33
CA GLY B 30 5.79 -47.99 -6.08
C GLY B 30 6.85 -47.01 -5.60
N GLN B 31 7.96 -47.53 -5.08
CA GLN B 31 9.00 -46.59 -4.69
C GLN B 31 8.51 -45.48 -3.78
N THR B 32 7.96 -45.85 -2.63
CA THR B 32 7.34 -44.87 -1.76
C THR B 32 8.17 -43.60 -1.60
N LEU B 33 7.45 -42.48 -1.47
CA LEU B 33 8.11 -41.18 -1.37
C LEU B 33 9.22 -41.19 -0.34
N ARG B 34 8.93 -41.69 0.87
CA ARG B 34 9.93 -41.74 1.92
C ARG B 34 11.18 -42.48 1.47
N ASP B 35 11.00 -43.67 0.90
CA ASP B 35 12.16 -44.45 0.47
C ASP B 35 12.86 -43.78 -0.69
N SER B 36 12.11 -43.18 -1.61
CA SER B 36 12.73 -42.45 -2.71
C SER B 36 13.61 -41.33 -2.20
N VAL B 37 13.05 -40.47 -1.34
CA VAL B 37 13.76 -39.36 -0.73
C VAL B 37 14.94 -39.88 0.06
N GLU B 38 14.84 -41.13 0.53
CA GLU B 38 15.86 -41.68 1.41
C GLU B 38 17.13 -42.05 0.66
N LYS B 39 17.01 -42.91 -0.35
CA LYS B 39 18.18 -43.27 -1.13
C LYS B 39 18.77 -42.06 -1.85
N ALA B 40 17.93 -41.12 -2.26
CA ALA B 40 18.42 -39.93 -2.96
C ALA B 40 19.41 -39.16 -2.11
N LEU B 41 19.10 -38.96 -0.82
CA LEU B 41 20.03 -38.22 0.02
C LEU B 41 21.16 -39.11 0.52
N HIS B 42 20.86 -40.37 0.87
CA HIS B 42 21.95 -41.31 1.12
C HIS B 42 22.91 -41.36 -0.05
N ASN B 43 22.38 -41.27 -1.28
CA ASN B 43 23.25 -41.23 -2.45
C ASN B 43 24.06 -39.94 -2.43
N TYR B 44 23.39 -38.78 -2.53
CA TYR B 44 24.00 -37.46 -2.51
C TYR B 44 25.11 -37.33 -1.46
N PHE B 45 24.76 -37.58 -0.19
CA PHE B 45 25.73 -37.47 0.89
C PHE B 45 26.96 -38.34 0.64
N ALA B 46 26.72 -39.51 0.07
CA ALA B 46 27.83 -40.44 -0.22
C ALA B 46 28.97 -39.86 -1.04
N HIS B 47 28.72 -39.50 -2.29
CA HIS B 47 29.78 -38.93 -3.15
C HIS B 47 29.85 -37.47 -2.72
N LEU B 48 30.71 -37.11 -1.77
CA LEU B 48 30.76 -35.69 -1.31
C LEU B 48 32.04 -35.37 -0.55
N GLU B 49 33.21 -35.46 -1.19
CA GLU B 49 34.42 -34.97 -0.47
C GLU B 49 34.14 -33.47 -0.38
N GLY B 50 34.19 -32.80 -1.52
CA GLY B 50 33.85 -31.37 -1.56
C GLY B 50 32.59 -31.29 -0.74
N GLN B 51 32.61 -30.53 0.36
CA GLN B 51 31.44 -30.50 1.27
C GLN B 51 30.80 -29.13 1.05
N PRO B 52 31.56 -28.02 1.03
CA PRO B 52 30.97 -26.67 0.95
C PRO B 52 29.49 -26.54 0.62
N VAL B 53 28.61 -27.15 1.43
CA VAL B 53 27.17 -27.01 1.26
C VAL B 53 26.55 -26.63 2.59
N THR B 54 25.61 -25.69 2.53
CA THR B 54 24.73 -25.35 3.64
C THR B 54 23.36 -25.18 2.99
N ASP B 55 22.37 -24.73 3.77
CA ASP B 55 21.03 -24.44 3.25
C ASP B 55 20.44 -25.72 2.65
N VAL B 56 20.95 -26.87 3.08
CA VAL B 56 20.49 -28.14 2.53
C VAL B 56 18.99 -28.30 2.75
N TYR B 57 18.49 -27.86 3.91
CA TYR B 57 17.07 -27.94 4.17
C TYR B 57 16.30 -27.18 3.10
N ASN B 58 16.73 -25.95 2.81
CA ASN B 58 16.12 -25.15 1.76
C ASN B 58 16.42 -25.71 0.37
N MET B 59 17.59 -26.34 0.19
CA MET B 59 17.87 -26.95 -1.11
C MET B 59 16.93 -28.11 -1.39
N VAL B 60 16.73 -28.98 -0.40
CA VAL B 60 15.79 -30.08 -0.59
C VAL B 60 14.38 -29.56 -0.63
N LEU B 61 14.10 -28.47 0.09
CA LEU B 61 12.75 -27.91 0.07
C LEU B 61 12.41 -27.34 -1.29
N CYS B 62 13.38 -26.72 -1.97
CA CYS B 62 13.13 -26.24 -3.32
C CYS B 62 12.85 -27.39 -4.28
N GLU B 63 13.61 -28.48 -4.17
CA GLU B 63 13.43 -29.60 -5.08
C GLU B 63 12.11 -30.32 -4.85
N VAL B 64 11.43 -30.07 -3.73
CA VAL B 64 10.23 -30.80 -3.36
C VAL B 64 9.03 -29.87 -3.38
N GLU B 65 9.26 -28.59 -3.11
CA GLU B 65 8.16 -27.62 -3.11
C GLU B 65 7.68 -27.35 -4.53
N ALA B 66 8.62 -27.24 -5.48
CA ALA B 66 8.25 -26.96 -6.87
C ALA B 66 7.41 -28.06 -7.49
N PRO B 67 7.77 -29.35 -7.41
CA PRO B 67 6.90 -30.38 -8.01
C PRO B 67 5.54 -30.48 -7.33
N LEU B 68 5.52 -30.47 -5.99
CA LEU B 68 4.26 -30.53 -5.27
C LEU B 68 3.35 -29.37 -5.65
N LEU B 69 3.88 -28.15 -5.59
CA LEU B 69 3.07 -26.98 -5.95
C LEU B 69 2.62 -27.06 -7.41
N GLU B 70 3.39 -27.74 -8.26
CA GLU B 70 2.98 -27.91 -9.65
C GLU B 70 1.79 -28.87 -9.76
N THR B 71 1.94 -30.09 -9.22
CA THR B 71 0.98 -31.15 -9.50
C THR B 71 -0.41 -30.85 -8.96
N VAL B 72 -0.50 -30.11 -7.84
CA VAL B 72 -1.78 -29.66 -7.31
C VAL B 72 -2.46 -28.73 -8.29
N MET B 73 -1.69 -27.76 -8.80
CA MET B 73 -2.20 -26.80 -9.76
C MET B 73 -2.80 -27.51 -10.96
N ASN B 74 -2.07 -28.50 -11.50
CA ASN B 74 -2.65 -29.39 -12.48
C ASN B 74 -3.96 -29.97 -11.96
N HIS B 75 -3.91 -30.51 -10.74
CA HIS B 75 -5.02 -31.29 -10.19
C HIS B 75 -6.22 -30.41 -9.89
N VAL B 76 -5.97 -29.18 -9.45
CA VAL B 76 -7.02 -28.28 -9.02
C VAL B 76 -7.41 -27.42 -10.21
N LYS B 77 -6.77 -27.68 -11.34
CA LYS B 77 -7.01 -26.92 -12.57
C LYS B 77 -6.84 -25.42 -12.31
N GLY B 78 -5.69 -25.07 -11.73
CA GLY B 78 -5.31 -23.71 -11.48
C GLY B 78 -6.03 -22.81 -10.50
N ASN B 79 -6.99 -23.35 -9.73
CA ASN B 79 -7.78 -22.53 -8.83
C ASN B 79 -6.92 -22.51 -7.57
N GLN B 80 -6.38 -21.35 -7.22
CA GLN B 80 -5.50 -21.22 -6.07
C GLN B 80 -6.26 -21.10 -4.75
N THR B 81 -7.56 -20.87 -4.78
CA THR B 81 -8.34 -20.90 -3.55
C THR B 81 -8.52 -22.33 -3.06
N LYS B 82 -8.91 -23.24 -3.95
CA LYS B 82 -9.01 -24.64 -3.58
C LYS B 82 -7.63 -25.31 -3.52
N ALA B 83 -6.65 -24.77 -4.24
CA ALA B 83 -5.28 -25.26 -4.08
C ALA B 83 -4.74 -24.94 -2.69
N SER B 84 -5.13 -23.80 -2.13
CA SER B 84 -4.77 -23.51 -0.75
C SER B 84 -5.55 -24.40 0.21
N GLU B 85 -6.80 -24.72 -0.13
CA GLU B 85 -7.61 -25.54 0.75
C GLU B 85 -6.98 -26.91 0.93
N LEU B 86 -7.04 -27.75 -0.10
CA LEU B 86 -6.60 -29.13 0.08
C LEU B 86 -5.13 -29.19 0.46
N LEU B 87 -4.34 -28.20 0.07
CA LEU B 87 -2.94 -28.19 0.48
C LEU B 87 -2.76 -27.82 1.94
N GLY B 88 -3.79 -27.26 2.57
CA GLY B 88 -3.65 -26.77 3.93
C GLY B 88 -2.66 -25.63 4.02
N LEU B 89 -2.96 -24.53 3.35
CA LEU B 89 -2.12 -23.35 3.37
C LEU B 89 -3.01 -22.12 3.31
N ASN B 90 -2.42 -20.97 3.63
CA ASN B 90 -3.11 -19.70 3.43
C ASN B 90 -2.61 -19.11 2.13
N ARG B 91 -3.55 -18.57 1.34
CA ARG B 91 -3.20 -18.06 0.02
C ARG B 91 -2.16 -16.95 0.07
N GLY B 92 -1.82 -16.46 1.25
CA GLY B 92 -0.71 -15.55 1.37
C GLY B 92 0.60 -16.26 1.13
N THR B 93 0.92 -17.24 1.98
CA THR B 93 2.14 -18.01 1.77
C THR B 93 2.04 -18.96 0.58
N LEU B 94 0.82 -19.34 0.18
CA LEU B 94 0.66 -20.09 -1.06
C LEU B 94 1.22 -19.29 -2.21
N ARG B 95 0.53 -18.20 -2.57
CA ARG B 95 0.96 -17.31 -3.64
C ARG B 95 2.44 -16.97 -3.56
N LYS B 96 2.94 -16.70 -2.35
CA LYS B 96 4.36 -16.40 -2.19
C LYS B 96 5.24 -17.56 -2.63
N LYS B 97 4.72 -18.79 -2.55
CA LYS B 97 5.48 -19.95 -2.99
C LYS B 97 5.49 -20.06 -4.51
N LEU B 98 4.33 -19.94 -5.14
CA LEU B 98 4.24 -20.08 -6.59
C LEU B 98 5.06 -19.03 -7.33
N LYS B 99 5.04 -17.78 -6.85
CA LYS B 99 5.88 -16.76 -7.47
C LYS B 99 7.36 -17.07 -7.33
N GLN B 100 7.73 -17.81 -6.28
CA GLN B 100 9.09 -18.31 -6.21
C GLN B 100 9.38 -19.28 -7.34
N TYR B 101 8.34 -19.80 -8.00
CA TYR B 101 8.50 -20.74 -9.11
C TYR B 101 7.59 -20.49 -10.32
N ASP B 102 6.30 -20.79 -10.17
CA ASP B 102 5.34 -20.78 -11.31
C ASP B 102 3.96 -20.20 -10.94
N LEU B 103 3.81 -18.89 -11.09
CA LEU B 103 2.58 -18.11 -10.78
C LEU B 103 1.33 -18.83 -11.26
N THR C 24 -9.92 -16.99 29.61
CA THR C 24 -10.24 -18.30 30.18
C THR C 24 -11.61 -18.78 29.70
N THR C 25 -12.50 -17.81 29.41
CA THR C 25 -13.88 -18.06 28.99
C THR C 25 -13.92 -18.09 27.45
N PRO C 26 -15.06 -18.37 26.81
CA PRO C 26 -15.08 -18.30 25.34
C PRO C 26 -14.87 -16.88 24.88
N THR C 27 -14.07 -16.74 23.82
CA THR C 27 -13.73 -15.40 23.29
C THR C 27 -13.31 -15.53 21.83
N GLN C 28 -13.74 -14.59 20.98
CA GLN C 28 -13.44 -14.62 19.52
C GLN C 28 -12.00 -14.18 19.26
N GLU C 29 -11.56 -14.31 18.01
CA GLU C 29 -10.15 -13.97 17.67
C GLU C 29 -9.90 -12.46 17.64
N GLY C 30 -10.47 -11.78 16.65
CA GLY C 30 -10.16 -10.36 16.39
C GLY C 30 -9.97 -10.17 14.91
N GLN C 31 -10.98 -9.60 14.24
CA GLN C 31 -11.01 -9.39 12.77
C GLN C 31 -9.80 -8.50 12.52
N THR C 32 -8.78 -9.05 11.87
CA THR C 32 -7.53 -8.31 11.56
C THR C 32 -7.83 -7.35 10.41
N LEU C 33 -7.08 -6.26 10.32
CA LEU C 33 -7.40 -5.26 9.31
C LEU C 33 -7.51 -5.89 7.94
N ARG C 34 -6.56 -6.76 7.58
CA ARG C 34 -6.64 -7.46 6.30
C ARG C 34 -7.96 -8.21 6.15
N ASP C 35 -8.41 -8.91 7.20
CA ASP C 35 -9.64 -9.67 7.07
C ASP C 35 -10.87 -8.77 7.08
N SER C 36 -10.78 -7.59 7.69
CA SER C 36 -11.92 -6.68 7.69
C SER C 36 -12.22 -6.18 6.28
N VAL C 37 -11.17 -5.82 5.54
CA VAL C 37 -11.32 -5.39 4.15
C VAL C 37 -11.98 -6.52 3.36
N GLU C 38 -11.20 -7.59 3.13
CA GLU C 38 -11.59 -8.80 2.43
C GLU C 38 -13.02 -9.33 2.54
N LYS C 39 -13.62 -9.14 3.72
CA LYS C 39 -14.97 -9.62 3.98
C LYS C 39 -15.90 -8.43 3.84
N ALA C 40 -15.40 -7.20 4.02
CA ALA C 40 -16.20 -6.01 3.76
C ALA C 40 -16.34 -5.76 2.27
N LEU C 41 -15.24 -5.91 1.53
CA LEU C 41 -15.30 -5.81 0.08
C LEU C 41 -16.20 -6.90 -0.47
N HIS C 42 -15.88 -8.16 -0.14
CA HIS C 42 -16.59 -9.33 -0.64
C HIS C 42 -18.10 -9.15 -0.54
N ASN C 43 -18.57 -8.61 0.58
CA ASN C 43 -19.99 -8.37 0.74
C ASN C 43 -20.49 -7.18 -0.07
N TYR C 44 -19.59 -6.39 -0.63
CA TYR C 44 -19.96 -5.28 -1.52
C TYR C 44 -20.03 -5.72 -2.97
N PHE C 45 -19.29 -6.76 -3.32
CA PHE C 45 -19.39 -7.40 -4.62
C PHE C 45 -20.52 -8.43 -4.70
N ALA C 46 -21.46 -8.41 -3.75
CA ALA C 46 -22.66 -9.22 -3.83
C ALA C 46 -23.94 -8.39 -3.85
N HIS C 47 -23.93 -7.18 -3.28
CA HIS C 47 -25.05 -6.26 -3.41
C HIS C 47 -24.97 -5.47 -4.71
N LEU C 48 -23.90 -5.69 -5.45
CA LEU C 48 -23.75 -5.02 -6.77
C LEU C 48 -24.34 -5.94 -7.83
N GLU C 49 -23.81 -7.16 -7.89
CA GLU C 49 -24.27 -8.22 -8.85
C GLU C 49 -24.39 -7.63 -10.26
N GLY C 50 -23.31 -6.98 -10.74
CA GLY C 50 -23.28 -6.43 -12.10
C GLY C 50 -24.01 -5.11 -12.24
N GLN C 51 -23.24 -4.02 -12.26
CA GLN C 51 -23.70 -2.63 -12.46
C GLN C 51 -22.44 -1.78 -12.63
N PRO C 52 -22.40 -0.76 -13.50
CA PRO C 52 -21.16 0.02 -13.73
C PRO C 52 -20.67 0.62 -12.42
N VAL C 53 -19.46 0.22 -12.02
CA VAL C 53 -18.73 0.78 -10.89
C VAL C 53 -17.26 0.99 -11.20
N THR C 54 -16.87 2.25 -11.35
CA THR C 54 -15.49 2.61 -11.59
C THR C 54 -14.94 3.33 -10.37
N ASP C 55 -13.63 3.61 -10.41
CA ASP C 55 -12.92 4.31 -9.34
C ASP C 55 -13.09 3.59 -8.01
N VAL C 56 -13.04 2.25 -8.09
CA VAL C 56 -13.12 1.46 -6.86
C VAL C 56 -11.89 1.69 -6.00
N TYR C 57 -10.70 1.72 -6.61
CA TYR C 57 -9.49 1.94 -5.83
C TYR C 57 -9.54 3.27 -5.11
N ASN C 58 -9.97 4.33 -5.80
CA ASN C 58 -9.99 5.65 -5.17
C ASN C 58 -11.10 5.75 -4.12
N MET C 59 -12.24 5.13 -4.37
CA MET C 59 -13.30 5.12 -3.37
C MET C 59 -12.86 4.38 -2.12
N VAL C 60 -12.35 3.16 -2.30
CA VAL C 60 -11.95 2.34 -1.15
C VAL C 60 -10.79 3.01 -0.41
N LEU C 61 -9.76 3.43 -1.14
CA LEU C 61 -8.63 4.09 -0.48
C LEU C 61 -9.10 5.28 0.34
N CYS C 62 -10.09 6.01 -0.17
CA CYS C 62 -10.65 7.15 0.55
C CYS C 62 -11.20 6.72 1.91
N GLU C 63 -12.05 5.69 1.91
CA GLU C 63 -12.66 5.25 3.16
C GLU C 63 -11.67 4.61 4.11
N VAL C 64 -10.49 4.24 3.63
CA VAL C 64 -9.41 3.85 4.53
C VAL C 64 -8.55 5.03 4.91
N GLU C 65 -8.33 5.95 3.96
CA GLU C 65 -7.36 7.02 4.18
C GLU C 65 -7.91 8.10 5.11
N ALA C 66 -9.21 8.31 5.14
CA ALA C 66 -9.75 9.33 6.03
C ALA C 66 -9.63 8.88 7.48
N PRO C 67 -10.31 7.81 7.91
CA PRO C 67 -10.21 7.33 9.28
C PRO C 67 -8.73 7.13 9.66
N LEU C 68 -7.95 6.62 8.73
CA LEU C 68 -6.52 6.38 9.00
C LEU C 68 -5.88 7.70 9.41
N LEU C 69 -6.09 8.72 8.58
CA LEU C 69 -5.47 10.05 8.77
C LEU C 69 -5.90 10.69 10.08
N GLU C 70 -7.19 10.64 10.39
CA GLU C 70 -7.73 11.35 11.55
C GLU C 70 -7.60 10.56 12.84
N THR C 71 -7.43 9.23 12.77
CA THR C 71 -7.15 8.48 13.98
C THR C 71 -5.73 8.72 14.46
N VAL C 72 -4.78 8.84 13.53
CA VAL C 72 -3.40 9.10 13.90
C VAL C 72 -3.23 10.50 14.45
N MET C 73 -4.09 11.43 14.02
CA MET C 73 -3.96 12.80 14.46
C MET C 73 -4.41 12.96 15.90
N ASN C 74 -5.32 12.10 16.37
CA ASN C 74 -5.62 12.03 17.79
C ASN C 74 -4.39 11.62 18.58
N HIS C 75 -3.86 10.43 18.29
CA HIS C 75 -2.85 9.78 19.13
C HIS C 75 -1.64 10.66 19.40
N VAL C 76 -1.30 11.54 18.46
CA VAL C 76 -0.24 12.52 18.66
C VAL C 76 -0.81 13.92 18.88
N LYS C 77 -2.13 14.01 19.13
CA LYS C 77 -2.78 15.28 19.49
C LYS C 77 -2.62 16.33 18.41
N GLY C 78 -2.62 15.91 17.14
CA GLY C 78 -2.48 16.83 16.04
C GLY C 78 -1.08 17.31 15.76
N ASN C 79 -0.12 17.04 16.63
CA ASN C 79 1.26 17.41 16.38
C ASN C 79 1.50 16.69 15.07
N GLN C 80 1.74 17.46 14.00
CA GLN C 80 1.79 16.90 12.65
C GLN C 80 3.23 16.45 12.44
N THR C 81 4.19 17.04 13.16
CA THR C 81 5.56 16.57 13.06
C THR C 81 5.69 15.13 13.55
N LYS C 82 4.98 14.79 14.61
CA LYS C 82 5.00 13.42 15.12
C LYS C 82 4.04 12.52 14.34
N ALA C 83 2.96 13.10 13.79
CA ALA C 83 2.10 12.34 12.89
C ALA C 83 2.88 11.80 11.70
N SER C 84 3.80 12.60 11.16
CA SER C 84 4.54 12.18 9.97
C SER C 84 5.48 11.02 10.28
N GLU C 85 6.16 11.06 11.43
CA GLU C 85 7.10 9.97 11.73
C GLU C 85 6.38 8.64 11.89
N LEU C 86 5.13 8.65 12.33
CA LEU C 86 4.34 7.44 12.49
C LEU C 86 4.13 6.75 11.14
N LEU C 87 3.48 7.46 10.22
CA LEU C 87 3.15 6.88 8.92
C LEU C 87 4.39 6.69 8.07
N GLY C 88 5.55 7.13 8.56
CA GLY C 88 6.74 7.11 7.75
C GLY C 88 6.67 8.04 6.56
N LEU C 89 5.84 9.07 6.63
CA LEU C 89 5.64 10.01 5.55
C LEU C 89 6.50 11.25 5.75
N ASN C 90 6.34 12.20 4.84
CA ASN C 90 6.98 13.49 4.90
C ASN C 90 5.94 14.54 5.25
N ARG C 91 6.37 15.59 5.95
CA ARG C 91 5.44 16.60 6.41
C ARG C 91 4.60 17.15 5.27
N GLY C 92 5.26 17.58 4.19
CA GLY C 92 4.54 18.03 3.01
C GLY C 92 3.55 17.01 2.51
N THR C 93 4.05 15.81 2.21
CA THR C 93 3.19 14.72 1.76
C THR C 93 2.07 14.43 2.75
N LEU C 94 2.41 14.46 4.05
CA LEU C 94 1.38 14.30 5.07
C LEU C 94 0.36 15.42 4.98
N ARG C 95 0.82 16.67 5.08
CA ARG C 95 -0.11 17.79 5.03
C ARG C 95 -0.82 17.89 3.69
N LYS C 96 -0.20 17.37 2.63
CA LYS C 96 -0.90 17.28 1.34
C LYS C 96 -2.17 16.45 1.48
N LYS C 97 -2.03 15.18 1.88
CA LYS C 97 -3.20 14.34 2.07
C LYS C 97 -4.06 14.87 3.22
N LEU C 98 -3.42 15.40 4.26
CA LEU C 98 -4.15 15.99 5.38
C LEU C 98 -5.08 17.10 4.88
N LYS C 99 -4.54 18.01 4.07
CA LYS C 99 -5.31 19.10 3.48
C LYS C 99 -6.45 18.60 2.60
N GLN C 100 -6.31 17.40 2.03
CA GLN C 100 -7.39 16.84 1.23
C GLN C 100 -8.62 16.49 2.07
N TYR C 101 -8.48 16.41 3.40
CA TYR C 101 -9.63 16.14 4.26
C TYR C 101 -9.87 17.34 5.17
N ASP C 102 -8.99 17.52 6.29
CA ASP C 102 -9.38 18.61 7.19
C ASP C 102 -8.13 19.23 7.82
N LEU C 103 -7.67 20.35 7.22
CA LEU C 103 -6.39 21.02 7.49
C LEU C 103 -5.30 20.20 8.19
N THR D 24 25.67 5.88 -13.40
CA THR D 24 24.30 5.49 -13.15
C THR D 24 23.52 5.41 -14.45
N THR D 25 22.66 6.41 -14.69
CA THR D 25 21.78 6.48 -15.85
C THR D 25 22.00 7.83 -16.53
N PRO D 26 21.29 8.12 -17.64
CA PRO D 26 21.37 9.48 -18.20
C PRO D 26 20.23 10.37 -17.71
N THR D 27 20.55 11.21 -16.74
CA THR D 27 19.61 12.17 -16.19
C THR D 27 19.90 13.55 -16.78
N GLN D 28 18.88 14.39 -16.81
CA GLN D 28 18.99 15.76 -17.26
C GLN D 28 19.46 16.64 -16.10
N GLU D 29 19.48 17.96 -16.30
CA GLU D 29 19.98 18.91 -15.33
C GLU D 29 18.87 19.65 -14.58
N GLY D 30 19.28 20.28 -13.47
CA GLY D 30 18.37 21.03 -12.62
C GLY D 30 18.02 22.41 -13.15
N GLN D 31 16.80 22.53 -13.70
CA GLN D 31 16.29 23.83 -14.14
C GLN D 31 16.30 24.71 -12.90
N THR D 32 17.19 25.70 -12.88
CA THR D 32 17.37 26.52 -11.70
C THR D 32 16.16 27.45 -11.56
N LEU D 33 16.14 28.24 -10.50
CA LEU D 33 14.90 28.93 -10.12
C LEU D 33 14.57 30.08 -11.05
N ARG D 34 15.56 30.91 -11.41
CA ARG D 34 15.27 32.05 -12.27
C ARG D 34 14.89 31.60 -13.67
N ASP D 35 15.66 30.67 -14.25
CA ASP D 35 15.26 30.11 -15.54
C ASP D 35 13.86 29.55 -15.46
N SER D 36 13.54 28.92 -14.33
CA SER D 36 12.16 28.52 -14.10
C SER D 36 11.23 29.73 -14.17
N VAL D 37 11.61 30.83 -13.54
CA VAL D 37 10.77 32.02 -13.56
C VAL D 37 10.90 32.76 -14.89
N GLU D 38 12.09 32.76 -15.48
CA GLU D 38 12.27 33.31 -16.81
C GLU D 38 11.33 32.63 -17.80
N LYS D 39 11.61 31.36 -18.07
CA LYS D 39 10.84 30.61 -19.07
C LYS D 39 9.36 30.56 -18.73
N ALA D 40 9.02 30.37 -17.46
CA ALA D 40 7.62 30.24 -17.10
C ALA D 40 6.83 31.52 -17.33
N LEU D 41 7.50 32.66 -17.40
CA LEU D 41 6.81 33.94 -17.56
C LEU D 41 6.84 34.46 -19.00
N HIS D 42 7.96 34.27 -19.72
CA HIS D 42 7.95 34.45 -21.17
C HIS D 42 6.74 33.79 -21.78
N ASN D 43 6.68 32.47 -21.66
CA ASN D 43 5.57 31.67 -22.16
C ASN D 43 4.24 32.31 -21.76
N TYR D 44 4.08 32.62 -20.47
CA TYR D 44 2.84 33.23 -20.00
C TYR D 44 2.51 34.49 -20.79
N PHE D 45 3.52 35.34 -21.03
CA PHE D 45 3.28 36.61 -21.71
C PHE D 45 3.09 36.42 -23.21
N ALA D 46 4.06 35.75 -23.86
CA ALA D 46 3.96 35.55 -25.30
C ALA D 46 2.71 34.76 -25.67
N HIS D 47 2.39 33.72 -24.91
CA HIS D 47 1.21 32.92 -25.22
C HIS D 47 -0.11 33.65 -25.04
N LEU D 48 -0.44 33.98 -23.79
CA LEU D 48 -1.67 34.70 -23.52
C LEU D 48 -1.20 36.10 -23.87
N GLU D 49 -1.67 36.63 -24.98
CA GLU D 49 -1.32 37.96 -25.44
C GLU D 49 -2.57 38.48 -26.14
N GLY D 50 -2.70 39.81 -26.16
CA GLY D 50 -3.91 40.45 -26.61
C GLY D 50 -4.89 40.67 -25.47
N GLN D 51 -5.27 39.60 -24.79
CA GLN D 51 -6.19 39.74 -23.68
C GLN D 51 -5.51 40.51 -22.55
N PRO D 52 -6.25 41.31 -21.80
CA PRO D 52 -5.62 42.13 -20.75
C PRO D 52 -5.35 41.32 -19.51
N VAL D 53 -4.64 41.93 -18.57
CA VAL D 53 -4.35 41.29 -17.29
C VAL D 53 -3.84 42.33 -16.30
N THR D 54 -4.09 42.11 -15.01
CA THR D 54 -3.70 43.01 -13.95
C THR D 54 -3.23 42.22 -12.74
N ASP D 55 -2.62 42.94 -11.79
CA ASP D 55 -2.23 42.41 -10.49
C ASP D 55 -1.41 41.12 -10.62
N VAL D 56 -0.58 41.04 -11.65
CA VAL D 56 0.24 39.84 -11.80
C VAL D 56 1.48 39.88 -10.94
N TYR D 57 1.78 41.00 -10.28
CA TYR D 57 2.79 40.95 -9.24
C TYR D 57 2.26 40.19 -8.03
N ASN D 58 1.06 40.53 -7.59
CA ASN D 58 0.41 39.79 -6.51
C ASN D 58 0.33 38.31 -6.84
N MET D 59 -0.21 38.00 -8.02
CA MET D 59 -0.49 36.62 -8.36
C MET D 59 0.78 35.81 -8.60
N VAL D 60 1.88 36.45 -9.01
CA VAL D 60 3.14 35.73 -9.04
C VAL D 60 3.69 35.61 -7.62
N LEU D 61 3.33 36.55 -6.75
CA LEU D 61 3.79 36.49 -5.37
C LEU D 61 3.22 35.30 -4.63
N CYS D 62 1.99 34.89 -4.97
CA CYS D 62 1.37 33.74 -4.32
C CYS D 62 2.10 32.44 -4.65
N GLU D 63 2.34 32.23 -5.94
CA GLU D 63 2.98 30.97 -6.40
C GLU D 63 4.44 30.93 -5.98
N VAL D 64 4.88 31.81 -5.09
CA VAL D 64 6.31 31.76 -4.67
C VAL D 64 6.38 31.81 -3.15
N GLU D 65 5.44 32.52 -2.54
CA GLU D 65 5.46 32.63 -1.07
C GLU D 65 4.87 31.35 -0.49
N ALA D 66 3.73 30.93 -1.00
CA ALA D 66 3.10 29.73 -0.44
C ALA D 66 3.97 28.50 -0.61
N PRO D 67 4.51 28.17 -1.79
CA PRO D 67 5.47 27.07 -1.89
C PRO D 67 6.74 27.28 -1.08
N LEU D 68 7.14 28.54 -0.86
CA LEU D 68 8.29 28.83 -0.01
C LEU D 68 8.01 28.41 1.43
N LEU D 69 6.85 28.79 1.95
CA LEU D 69 6.58 28.58 3.37
C LEU D 69 6.32 27.12 3.69
N GLU D 70 5.37 26.49 2.98
CA GLU D 70 5.06 25.10 3.30
C GLU D 70 6.25 24.17 3.05
N THR D 71 7.37 24.68 2.53
CA THR D 71 8.58 23.88 2.40
C THR D 71 9.66 24.29 3.38
N VAL D 72 9.63 25.52 3.86
CA VAL D 72 10.48 25.89 4.97
C VAL D 72 9.93 25.33 6.28
N MET D 73 8.62 25.45 6.47
CA MET D 73 7.99 24.98 7.70
C MET D 73 7.90 23.47 7.81
N ASN D 74 7.95 22.76 6.68
CA ASN D 74 8.02 21.31 6.73
C ASN D 74 9.46 20.81 6.77
N HIS D 75 10.43 21.72 6.76
CA HIS D 75 11.82 21.35 6.92
C HIS D 75 12.32 21.59 8.34
N VAL D 76 11.65 22.44 9.11
CA VAL D 76 11.99 22.68 10.50
C VAL D 76 10.95 22.07 11.43
N LYS D 77 10.05 21.25 10.90
CA LYS D 77 9.04 20.54 11.68
C LYS D 77 8.14 21.51 12.44
N GLY D 78 7.59 22.47 11.70
CA GLY D 78 6.62 23.39 12.27
C GLY D 78 7.20 24.38 13.26
N ASN D 79 8.53 24.34 13.44
CA ASN D 79 9.16 25.28 14.36
C ASN D 79 9.05 26.62 13.67
N GLN D 80 8.17 27.50 14.18
CA GLN D 80 7.99 28.82 13.58
C GLN D 80 9.20 29.67 13.95
N THR D 81 9.99 29.24 14.92
CA THR D 81 11.16 30.01 15.33
C THR D 81 12.39 29.68 14.52
N LYS D 82 12.56 28.43 14.10
CA LYS D 82 13.72 28.06 13.30
C LYS D 82 13.53 28.47 11.85
N ALA D 83 12.27 28.61 11.40
CA ALA D 83 12.00 29.14 10.07
C ALA D 83 12.52 30.56 9.92
N SER D 84 12.10 31.45 10.81
CA SER D 84 12.44 32.87 10.77
C SER D 84 13.94 33.11 10.88
N GLU D 85 14.72 32.06 11.12
CA GLU D 85 16.16 32.14 11.07
C GLU D 85 16.72 31.64 9.73
N LEU D 86 16.09 30.62 9.14
CA LEU D 86 16.45 30.22 7.79
C LEU D 86 15.95 31.25 6.79
N LEU D 87 14.67 31.63 6.91
CA LEU D 87 14.11 32.70 6.11
C LEU D 87 14.75 34.05 6.42
N GLY D 88 15.35 34.20 7.60
CA GLY D 88 15.88 35.52 7.93
C GLY D 88 14.74 36.50 8.02
N LEU D 89 13.62 36.07 8.56
CA LEU D 89 12.47 37.00 8.66
C LEU D 89 12.38 37.16 10.18
N ASN D 90 11.18 37.41 10.67
CA ASN D 90 10.84 37.64 12.09
C ASN D 90 9.62 36.80 12.43
N ARG D 91 9.60 36.11 13.57
CA ARG D 91 8.45 35.24 13.92
C ARG D 91 7.14 36.00 13.82
N GLY D 92 7.15 37.33 13.99
CA GLY D 92 5.95 38.14 13.88
C GLY D 92 5.50 38.33 12.44
N THR D 93 6.43 38.69 11.56
CA THR D 93 6.10 38.78 10.14
C THR D 93 5.75 37.40 9.57
N LEU D 94 6.56 36.39 9.89
CA LEU D 94 6.33 35.05 9.40
C LEU D 94 4.93 34.56 9.75
N ARG D 95 4.49 34.80 10.98
CA ARG D 95 3.14 34.42 11.35
C ARG D 95 2.12 35.06 10.42
N LYS D 96 2.33 36.32 10.11
CA LYS D 96 1.39 37.06 9.23
C LYS D 96 1.40 36.36 7.87
N LYS D 97 2.57 36.06 7.33
CA LYS D 97 2.62 35.38 6.01
C LYS D 97 1.86 34.07 6.11
N LEU D 98 2.20 33.24 7.08
CA LEU D 98 1.52 31.94 7.25
C LEU D 98 0.01 32.15 7.34
N LYS D 99 -0.41 33.08 8.19
CA LYS D 99 -1.86 33.38 8.35
C LYS D 99 -2.41 34.00 7.05
N GLN D 100 -1.58 34.79 6.37
CA GLN D 100 -2.00 35.44 5.10
C GLN D 100 -2.36 34.34 4.12
N TYR D 101 -1.61 33.25 4.13
CA TYR D 101 -1.93 32.16 3.19
C TYR D 101 -2.97 31.23 3.81
N ASP D 102 -2.58 30.08 4.35
CA ASP D 102 -3.58 29.15 4.95
C ASP D 102 -2.82 28.08 5.74
N LEU D 103 -1.62 28.42 6.18
CA LEU D 103 -0.69 27.45 6.80
C LEU D 103 -0.45 27.81 8.27
N LEU D 104 -1.46 27.62 9.11
CA LEU D 104 -1.38 27.90 10.57
C LEU D 104 -0.87 29.32 10.78
#